data_7NMU
#
_entry.id   7NMU
#
_cell.length_a   69.906
_cell.length_b   84.751
_cell.length_c   124.041
_cell.angle_alpha   90.000
_cell.angle_beta   90.000
_cell.angle_gamma   90.000
#
_symmetry.space_group_name_H-M   'P 21 21 21'
#
loop_
_entity.id
_entity.type
_entity.pdbx_description
1 polymer 'Platelet glycoprotein VI'
2 polymer 'Nanobody 2'
3 non-polymer 'CALCIUM ION'
4 water water
#
loop_
_entity_poly.entity_id
_entity_poly.type
_entity_poly.pdbx_seq_one_letter_code
_entity_poly.pdbx_strand_id
1 'polypeptide(L)'
;DKLASSGPLPKPSLQALPSSLVPLEKPVTLRCQGPPGVDLYRLEKLSSSRYQDQAVLFIPAMKRSLAGRYRCSYQQGSLW
SLPSDQLELVATGVFAKPSLSAQPGPAVSSGGDVTLQCQTRYGFDQFALYKEGDPAPYKNPERWYRASFPIITVTAAHSG
TYRCYSFSSRDPYLWSAPSDPLELVVTGDPIEGR
;
AAA,BBB
2 'polypeptide(L)'
;QVQLQESGGGLVQPGGSLRLSCAAAGFTFDYYAIAWFRQAPGKEREGVSCISSSDGTTYYADSVKGRFTISKDNAKNTMY
LQMNSLKPEDTAVYYCATSPLYSTNDRCISEDYDYWGQGTQVTVSSLVPR
;
DDD,CCC
#
loop_
_chem_comp.id
_chem_comp.type
_chem_comp.name
_chem_comp.formula
CA non-polymer 'CALCIUM ION' 'Ca 2'
#
# COMPACT_ATOMS: atom_id res chain seq x y z
N LEU A 9 36.59 -0.56 -12.34
CA LEU A 9 35.43 -0.19 -13.23
C LEU A 9 34.34 0.50 -12.40
N PRO A 10 33.36 1.19 -13.03
CA PRO A 10 32.28 1.82 -12.26
C PRO A 10 31.33 0.81 -11.56
N LYS A 11 30.80 1.19 -10.39
CA LYS A 11 29.77 0.45 -9.61
C LYS A 11 28.58 0.04 -10.47
N PRO A 12 28.06 -1.20 -10.30
CA PRO A 12 26.69 -1.53 -10.70
C PRO A 12 25.64 -1.22 -9.61
N SER A 13 24.36 -1.31 -10.00
CA SER A 13 23.18 -1.17 -9.11
C SER A 13 22.73 -2.56 -8.59
N LEU A 14 22.57 -2.67 -7.27
CA LEU A 14 21.95 -3.84 -6.60
C LEU A 14 20.58 -3.44 -6.05
N GLN A 15 19.55 -4.16 -6.48
CA GLN A 15 18.14 -3.82 -6.21
C GLN A 15 17.44 -5.09 -5.71
N ALA A 16 16.49 -4.93 -4.77
CA ALA A 16 15.64 -6.03 -4.27
C ALA A 16 14.23 -5.79 -4.80
N LEU A 17 13.59 -6.78 -5.43
CA LEU A 17 12.24 -6.63 -6.02
C LEU A 17 11.31 -7.70 -5.48
N PRO A 18 10.04 -7.35 -5.12
CA PRO A 18 9.53 -5.98 -5.25
C PRO A 18 10.08 -4.97 -4.22
N SER A 19 10.54 -5.45 -3.06
CA SER A 19 10.93 -4.61 -1.90
C SER A 19 12.15 -5.21 -1.21
N SER A 20 12.92 -4.41 -0.50
CA SER A 20 14.01 -4.85 0.40
C SER A 20 13.43 -5.24 1.76
N LEU A 21 12.14 -5.00 1.98
CA LEU A 21 11.38 -5.43 3.19
C LEU A 21 10.54 -6.66 2.82
N VAL A 22 11.08 -7.85 3.08
CA VAL A 22 10.41 -9.11 2.67
C VAL A 22 9.88 -9.81 3.90
N PRO A 23 8.56 -10.05 3.97
CA PRO A 23 7.99 -10.88 5.03
C PRO A 23 8.52 -12.33 4.95
N LEU A 24 8.69 -12.96 6.12
CA LEU A 24 9.06 -14.39 6.23
C LEU A 24 8.12 -15.20 5.33
N GLU A 25 8.72 -16.03 4.47
CA GLU A 25 8.08 -17.08 3.63
C GLU A 25 7.60 -16.49 2.32
N LYS A 26 7.96 -15.25 2.02
CA LYS A 26 7.51 -14.52 0.81
C LYS A 26 8.71 -14.35 -0.11
N PRO A 27 8.51 -14.36 -1.44
CA PRO A 27 9.63 -14.28 -2.39
C PRO A 27 10.27 -12.89 -2.58
N VAL A 28 11.45 -12.87 -3.16
CA VAL A 28 12.11 -11.59 -3.51
C VAL A 28 13.22 -11.90 -4.50
N THR A 29 13.55 -10.94 -5.35
CA THR A 29 14.62 -11.03 -6.35
C THR A 29 15.68 -9.97 -6.06
N LEU A 30 16.95 -10.38 -6.04
CA LEU A 30 18.11 -9.48 -5.97
C LEU A 30 18.66 -9.35 -7.38
N ARG A 31 18.55 -8.16 -7.97
CA ARG A 31 19.03 -7.90 -9.35
C ARG A 31 20.22 -6.94 -9.29
N CYS A 32 21.38 -7.43 -9.74
CA CYS A 32 22.61 -6.66 -10.03
C CYS A 32 22.56 -6.23 -11.50
N GLN A 33 23.05 -5.02 -11.80
CA GLN A 33 23.05 -4.39 -13.15
C GLN A 33 24.32 -3.54 -13.34
N GLY A 34 25.19 -3.96 -14.27
CA GLY A 34 26.31 -3.16 -14.80
C GLY A 34 26.00 -2.67 -16.21
N PRO A 35 27.01 -2.27 -17.00
CA PRO A 35 26.77 -1.80 -18.37
C PRO A 35 26.31 -3.00 -19.20
N PRO A 36 25.43 -2.86 -20.23
CA PRO A 36 24.91 -4.04 -20.95
C PRO A 36 26.00 -4.81 -21.72
N GLY A 37 25.65 -5.98 -22.24
CA GLY A 37 26.60 -6.94 -22.85
C GLY A 37 27.28 -7.79 -21.78
N VAL A 38 27.88 -7.12 -20.78
CA VAL A 38 28.45 -7.68 -19.51
C VAL A 38 27.83 -9.05 -19.17
N ASP A 39 28.68 -9.99 -18.70
CA ASP A 39 28.35 -11.43 -18.53
C ASP A 39 28.58 -11.88 -17.08
N LEU A 40 29.76 -11.58 -16.50
CA LEU A 40 30.31 -12.22 -15.27
C LEU A 40 29.98 -11.36 -14.04
N TYR A 41 29.22 -11.92 -13.10
CA TYR A 41 28.67 -11.22 -11.90
C TYR A 41 28.94 -12.01 -10.61
N ARG A 42 29.07 -11.30 -9.50
CA ARG A 42 29.24 -11.92 -8.17
C ARG A 42 28.37 -11.14 -7.17
N LEU A 43 27.33 -11.79 -6.65
CA LEU A 43 26.58 -11.34 -5.45
C LEU A 43 27.30 -11.87 -4.20
N GLU A 44 27.56 -11.00 -3.23
CA GLU A 44 28.30 -11.30 -1.98
C GLU A 44 27.36 -10.95 -0.79
N LYS A 45 27.21 -11.85 0.19
CA LYS A 45 26.55 -11.49 1.47
C LYS A 45 27.63 -11.14 2.50
N LEU A 46 27.69 -9.87 2.92
CA LEU A 46 28.76 -9.35 3.80
C LEU A 46 28.68 -10.09 5.15
N SER A 47 29.81 -10.26 5.84
CA SER A 47 29.88 -10.91 7.18
C SER A 47 29.56 -12.40 7.09
N SER A 48 29.86 -13.01 5.94
CA SER A 48 29.65 -14.45 5.67
C SER A 48 30.54 -14.85 4.49
N SER A 49 30.59 -16.13 4.19
CA SER A 49 31.31 -16.67 3.01
C SER A 49 30.29 -17.01 1.91
N ARG A 50 29.09 -16.44 1.96
CA ARG A 50 28.01 -16.79 0.98
C ARG A 50 27.99 -15.77 -0.17
N TYR A 51 27.56 -16.24 -1.34
CA TYR A 51 27.75 -15.55 -2.64
C TYR A 51 26.99 -16.30 -3.71
N GLN A 52 26.81 -15.66 -4.86
CA GLN A 52 26.27 -16.30 -6.08
C GLN A 52 27.02 -15.71 -7.28
N ASP A 53 27.06 -16.43 -8.39
CA ASP A 53 27.82 -16.06 -9.61
C ASP A 53 26.84 -15.59 -10.70
N GLN A 54 25.73 -14.97 -10.29
CA GLN A 54 24.64 -14.57 -11.21
C GLN A 54 24.23 -13.12 -10.92
N ALA A 55 23.88 -12.38 -11.98
CA ALA A 55 23.22 -11.06 -11.92
C ALA A 55 21.95 -11.15 -11.06
N VAL A 56 21.18 -12.22 -11.23
CA VAL A 56 19.82 -12.33 -10.63
C VAL A 56 19.77 -13.54 -9.70
N LEU A 57 19.35 -13.31 -8.47
CA LEU A 57 18.97 -14.38 -7.51
C LEU A 57 17.49 -14.22 -7.11
N PHE A 58 16.66 -15.16 -7.56
CA PHE A 58 15.32 -15.42 -6.99
C PHE A 58 15.48 -16.17 -5.65
N ILE A 59 14.94 -15.58 -4.58
CA ILE A 59 14.70 -16.24 -3.26
C ILE A 59 13.22 -16.57 -3.25
N PRO A 60 12.85 -17.86 -3.29
CA PRO A 60 11.44 -18.27 -3.37
C PRO A 60 10.65 -18.10 -2.06
N ALA A 61 11.35 -18.06 -0.92
CA ALA A 61 10.76 -17.80 0.41
C ALA A 61 11.81 -17.16 1.32
N MET A 62 11.46 -16.07 2.02
CA MET A 62 12.44 -15.35 2.87
C MET A 62 12.61 -16.08 4.21
N LYS A 63 13.81 -16.06 4.75
CA LYS A 63 14.16 -16.68 6.05
C LYS A 63 15.02 -15.73 6.86
N ARG A 64 15.00 -15.88 8.17
CA ARG A 64 15.87 -15.11 9.10
C ARG A 64 17.31 -15.19 8.56
N SER A 65 17.73 -16.36 8.12
CA SER A 65 19.12 -16.67 7.69
C SER A 65 19.50 -15.95 6.39
N LEU A 66 18.54 -15.43 5.62
CA LEU A 66 18.85 -14.72 4.34
C LEU A 66 18.86 -13.19 4.51
N ALA A 67 18.50 -12.68 5.68
CA ALA A 67 18.47 -11.24 5.98
C ALA A 67 19.89 -10.76 6.15
N GLY A 68 20.19 -9.50 5.77
CA GLY A 68 21.54 -8.93 5.93
C GLY A 68 21.91 -7.94 4.85
N ARG A 69 23.21 -7.62 4.79
CA ARG A 69 23.84 -6.69 3.81
C ARG A 69 24.39 -7.51 2.66
N TYR A 70 24.07 -7.11 1.42
CA TYR A 70 24.60 -7.65 0.16
C TYR A 70 25.20 -6.52 -0.69
N ARG A 71 26.30 -6.79 -1.39
CA ARG A 71 26.85 -6.00 -2.51
C ARG A 71 27.03 -6.95 -3.69
N CYS A 72 27.14 -6.42 -4.89
CA CYS A 72 27.56 -7.20 -6.08
C CYS A 72 28.63 -6.42 -6.86
N SER A 73 29.36 -7.12 -7.72
CA SER A 73 30.29 -6.52 -8.70
C SER A 73 30.21 -7.32 -10.02
N TYR A 74 30.96 -6.87 -11.02
CA TYR A 74 31.06 -7.52 -12.34
C TYR A 74 32.52 -7.50 -12.79
N GLN A 75 32.80 -8.30 -13.81
CA GLN A 75 34.15 -8.45 -14.41
C GLN A 75 34.01 -8.16 -15.92
N GLN A 76 34.90 -7.30 -16.44
CA GLN A 76 35.25 -7.14 -17.88
C GLN A 76 36.78 -7.33 -18.02
N GLY A 77 37.20 -8.22 -18.93
CA GLY A 77 38.60 -8.62 -19.09
C GLY A 77 39.22 -8.98 -17.74
N SER A 78 40.39 -8.42 -17.44
CA SER A 78 41.22 -8.79 -16.26
C SER A 78 40.82 -7.96 -15.02
N LEU A 79 39.70 -7.24 -15.07
CA LEU A 79 39.36 -6.20 -14.05
C LEU A 79 37.93 -6.36 -13.51
N TRP A 80 37.81 -6.39 -12.18
CA TRP A 80 36.55 -6.32 -11.40
C TRP A 80 36.12 -4.85 -11.21
N SER A 81 34.81 -4.62 -11.07
CA SER A 81 34.21 -3.31 -10.75
C SER A 81 34.34 -3.02 -9.23
N LEU A 82 34.24 -1.75 -8.86
CA LEU A 82 33.90 -1.32 -7.49
C LEU A 82 32.61 -2.03 -7.09
N PRO A 83 32.48 -2.48 -5.82
CA PRO A 83 31.21 -3.03 -5.34
C PRO A 83 30.04 -2.02 -5.35
N SER A 84 28.84 -2.47 -5.71
CA SER A 84 27.58 -1.70 -5.56
C SER A 84 27.45 -1.16 -4.12
N ASP A 85 26.51 -0.24 -3.94
CA ASP A 85 26.03 0.19 -2.61
C ASP A 85 25.49 -1.05 -1.90
N GLN A 86 25.57 -1.05 -0.56
CA GLN A 86 25.01 -2.13 0.27
C GLN A 86 23.50 -2.11 0.09
N LEU A 87 22.94 -3.24 -0.30
CA LEU A 87 21.48 -3.52 -0.19
C LEU A 87 21.21 -4.09 1.20
N GLU A 88 20.35 -3.46 1.99
CA GLU A 88 19.92 -3.99 3.32
C GLU A 88 18.68 -4.85 3.08
N LEU A 89 18.83 -6.18 3.11
CA LEU A 89 17.69 -7.12 2.93
C LEU A 89 17.11 -7.46 4.30
N VAL A 90 15.86 -7.08 4.51
CA VAL A 90 15.16 -7.18 5.82
C VAL A 90 14.08 -8.24 5.75
N ALA A 91 14.12 -9.18 6.69
CA ALA A 91 13.01 -10.11 6.99
C ALA A 91 12.07 -9.39 7.97
N THR A 92 10.80 -9.24 7.61
CA THR A 92 9.75 -8.68 8.49
C THR A 92 8.82 -9.84 8.89
N GLY A 93 7.99 -9.63 9.90
CA GLY A 93 7.04 -10.64 10.41
C GLY A 93 7.71 -11.64 11.33
N VAL A 94 8.92 -11.31 11.79
CA VAL A 94 9.68 -12.16 12.74
C VAL A 94 9.01 -12.08 14.13
N PHE A 95 8.40 -10.94 14.43
CA PHE A 95 7.82 -10.61 15.75
C PHE A 95 6.44 -9.99 15.60
N ALA A 96 5.67 -10.02 16.67
CA ALA A 96 4.33 -9.41 16.76
C ALA A 96 4.47 -7.91 16.48
N LYS A 97 3.52 -7.35 15.73
CA LYS A 97 3.57 -5.93 15.29
C LYS A 97 3.58 -5.03 16.51
N PRO A 98 4.28 -3.89 16.43
CA PRO A 98 4.17 -2.85 17.44
C PRO A 98 2.83 -2.11 17.24
N SER A 99 2.57 -1.12 18.09
CA SER A 99 1.43 -0.17 17.95
C SER A 99 2.00 1.18 17.57
N LEU A 100 1.28 1.90 16.71
CA LEU A 100 1.70 3.24 16.21
C LEU A 100 0.58 4.24 16.50
N SER A 101 0.91 5.34 17.18
CA SER A 101 -0.04 6.41 17.58
C SER A 101 0.52 7.78 17.16
N ALA A 102 -0.36 8.75 17.02
CA ALA A 102 -0.03 10.17 16.80
C ALA A 102 -0.43 10.96 18.05
N GLN A 103 0.49 11.76 18.57
CA GLN A 103 0.20 12.71 19.67
C GLN A 103 0.53 14.10 19.13
N PRO A 104 -0.36 15.10 19.29
CA PRO A 104 -1.60 14.95 20.08
C PRO A 104 -2.68 14.07 19.42
N GLY A 105 -2.70 14.00 18.09
CA GLY A 105 -3.68 13.16 17.39
C GLY A 105 -3.36 13.07 15.91
N PRO A 106 -4.06 12.16 15.18
CA PRO A 106 -3.81 11.93 13.75
C PRO A 106 -4.22 13.08 12.83
N ALA A 107 -5.07 14.00 13.28
CA ALA A 107 -5.48 15.20 12.53
C ALA A 107 -4.70 16.39 13.08
N VAL A 108 -3.97 17.07 12.20
CA VAL A 108 -3.07 18.19 12.57
C VAL A 108 -3.22 19.28 11.51
N SER A 109 -3.36 20.52 11.94
CA SER A 109 -3.47 21.70 11.06
C SER A 109 -2.12 21.98 10.37
N SER A 110 -2.16 22.37 9.11
CA SER A 110 -1.01 22.82 8.30
C SER A 110 -0.17 23.82 9.12
N GLY A 111 1.15 23.61 9.21
CA GLY A 111 2.09 24.41 10.00
C GLY A 111 2.24 23.89 11.42
N GLY A 112 1.27 23.09 11.90
CA GLY A 112 1.29 22.43 13.22
C GLY A 112 2.50 21.51 13.37
N ASP A 113 2.61 20.87 14.54
CA ASP A 113 3.65 19.84 14.80
C ASP A 113 2.92 18.57 15.19
N VAL A 114 3.53 17.42 14.91
CA VAL A 114 3.00 16.09 15.34
C VAL A 114 4.21 15.17 15.59
N THR A 115 4.06 14.27 16.54
CA THR A 115 5.08 13.25 16.95
C THR A 115 4.43 11.88 16.78
N LEU A 116 5.02 11.01 15.95
CA LEU A 116 4.51 9.63 15.73
C LEU A 116 5.23 8.73 16.73
N GLN A 117 4.51 7.76 17.30
CA GLN A 117 4.99 7.00 18.48
C GLN A 117 4.80 5.51 18.21
N CYS A 118 5.89 4.76 18.30
CA CYS A 118 5.95 3.30 18.10
C CYS A 118 6.30 2.65 19.45
N GLN A 119 5.48 1.68 19.88
CA GLN A 119 5.61 1.00 21.19
C GLN A 119 5.42 -0.51 21.01
N THR A 120 6.30 -1.32 21.61
CA THR A 120 6.17 -2.79 21.80
C THR A 120 6.06 -3.10 23.30
N ARG A 121 5.31 -4.15 23.62
CA ARG A 121 5.20 -4.77 24.97
C ARG A 121 6.54 -5.44 25.28
N TYR A 122 7.17 -6.01 24.23
CA TYR A 122 8.37 -6.87 24.30
C TYR A 122 9.63 -5.99 24.39
N GLY A 123 10.76 -6.63 24.73
CA GLY A 123 12.04 -5.96 25.01
C GLY A 123 12.81 -5.70 23.74
N PHE A 124 12.49 -4.58 23.05
CA PHE A 124 12.98 -4.20 21.71
C PHE A 124 13.47 -2.75 21.76
N ASP A 125 14.65 -2.46 21.20
CA ASP A 125 15.35 -1.16 21.40
C ASP A 125 15.36 -0.32 20.11
N GLN A 126 15.02 -0.88 18.97
CA GLN A 126 15.15 -0.17 17.66
C GLN A 126 13.77 -0.12 16.98
N PHE A 127 13.57 0.92 16.16
CA PHE A 127 12.29 1.25 15.52
C PHE A 127 12.57 1.89 14.16
N ALA A 128 11.71 1.62 13.17
CA ALA A 128 11.76 2.26 11.83
C ALA A 128 10.36 2.69 11.41
N LEU A 129 10.24 3.88 10.85
CA LEU A 129 8.94 4.46 10.42
C LEU A 129 8.94 4.55 8.89
N TYR A 130 7.94 3.96 8.24
CA TYR A 130 7.78 4.02 6.77
C TYR A 130 6.46 4.72 6.44
N LYS A 131 6.47 5.50 5.36
CA LYS A 131 5.27 6.06 4.69
C LYS A 131 4.97 5.27 3.41
N GLU A 132 3.76 4.73 3.27
CA GLU A 132 3.25 4.02 2.07
C GLU A 132 3.50 4.91 0.83
N GLY A 133 4.01 4.34 -0.26
CA GLY A 133 4.22 5.05 -1.54
C GLY A 133 2.91 5.24 -2.30
N ASP A 134 2.91 6.08 -3.35
CA ASP A 134 1.75 6.31 -4.25
C ASP A 134 1.63 5.10 -5.19
N PRO A 135 0.46 4.39 -5.25
CA PRO A 135 0.21 3.37 -6.27
C PRO A 135 0.40 3.83 -7.73
N ALA A 136 0.90 2.95 -8.60
CA ALA A 136 1.23 3.26 -10.01
C ALA A 136 0.31 2.47 -10.95
N PRO A 137 -0.39 3.13 -11.91
CA PRO A 137 -1.36 2.45 -12.77
C PRO A 137 -0.76 1.62 -13.91
N TYR A 138 -1.44 0.52 -14.29
CA TYR A 138 -1.17 -0.24 -15.53
C TYR A 138 -2.19 0.16 -16.61
N ALA A 147 -12.16 -7.25 -17.30
CA ALA A 147 -11.24 -7.09 -18.44
C ALA A 147 -9.97 -7.91 -18.14
N SER A 148 -8.86 -7.59 -18.81
CA SER A 148 -7.61 -8.39 -18.87
C SER A 148 -6.43 -7.46 -19.17
N PHE A 149 -5.32 -7.61 -18.43
CA PHE A 149 -4.10 -6.76 -18.54
C PHE A 149 -2.91 -7.67 -18.79
N PRO A 150 -2.67 -8.11 -20.05
CA PRO A 150 -1.60 -9.07 -20.33
C PRO A 150 -0.22 -8.45 -20.12
N ILE A 151 0.72 -9.22 -19.60
CA ILE A 151 2.15 -8.84 -19.58
C ILE A 151 2.89 -9.94 -20.35
N ILE A 152 3.61 -9.55 -21.40
CA ILE A 152 4.41 -10.44 -22.28
C ILE A 152 5.87 -10.23 -21.86
N THR A 153 6.66 -11.31 -21.80
CA THR A 153 8.09 -11.30 -21.40
C THR A 153 8.22 -10.52 -20.08
N VAL A 154 7.76 -11.16 -19.00
CA VAL A 154 7.75 -10.60 -17.62
C VAL A 154 9.20 -10.51 -17.13
N THR A 155 9.44 -9.55 -16.24
CA THR A 155 10.73 -9.28 -15.57
C THR A 155 10.46 -9.22 -14.08
N ALA A 156 11.50 -9.30 -13.25
CA ALA A 156 11.39 -9.10 -11.77
C ALA A 156 10.82 -7.70 -11.47
N ALA A 157 10.88 -6.77 -12.43
CA ALA A 157 10.29 -5.41 -12.34
C ALA A 157 8.76 -5.49 -12.17
N HIS A 158 8.15 -6.57 -12.71
CA HIS A 158 6.68 -6.83 -12.73
C HIS A 158 6.22 -7.51 -11.46
N SER A 159 7.13 -8.10 -10.67
CA SER A 159 6.80 -8.68 -9.35
C SER A 159 6.22 -7.55 -8.49
N GLY A 160 5.15 -7.83 -7.74
CA GLY A 160 4.62 -6.88 -6.74
C GLY A 160 3.18 -7.13 -6.38
N THR A 161 2.53 -6.16 -5.74
CA THR A 161 1.12 -6.25 -5.28
C THR A 161 0.24 -5.40 -6.21
N TYR A 162 -0.83 -6.01 -6.70
CA TYR A 162 -1.78 -5.43 -7.69
C TYR A 162 -3.16 -5.41 -7.05
N ARG A 163 -3.89 -4.32 -7.27
CA ARG A 163 -5.34 -4.23 -7.01
C ARG A 163 -5.96 -3.69 -8.29
N CYS A 164 -7.22 -4.00 -8.52
CA CYS A 164 -7.96 -3.42 -9.65
C CYS A 164 -9.20 -2.76 -9.06
N TYR A 165 -9.70 -1.75 -9.77
CA TYR A 165 -11.00 -1.08 -9.54
C TYR A 165 -11.89 -1.33 -10.76
N SER A 166 -13.20 -1.29 -10.54
CA SER A 166 -14.21 -1.35 -11.62
C SER A 166 -15.05 -0.06 -11.57
N PHE A 167 -15.53 0.39 -12.72
CA PHE A 167 -16.36 1.61 -12.84
C PHE A 167 -17.14 1.56 -14.16
N SER A 168 -18.24 2.29 -14.26
CA SER A 168 -18.97 2.62 -15.50
C SER A 168 -18.19 3.65 -16.31
N SER A 169 -18.18 3.54 -17.64
CA SER A 169 -17.61 4.56 -18.58
C SER A 169 -18.48 5.82 -18.56
N ARG A 170 -19.73 5.70 -18.10
CA ARG A 170 -20.69 6.83 -18.06
C ARG A 170 -20.43 7.73 -16.83
N ASP A 171 -19.80 7.21 -15.77
CA ASP A 171 -19.43 7.92 -14.50
C ASP A 171 -17.99 7.56 -14.19
N PRO A 172 -17.04 7.99 -15.03
CA PRO A 172 -15.70 7.47 -14.98
C PRO A 172 -14.82 7.91 -13.80
N TYR A 173 -15.32 8.71 -12.87
CA TYR A 173 -14.55 9.10 -11.66
C TYR A 173 -15.18 8.51 -10.40
N LEU A 174 -16.18 7.63 -10.53
CA LEU A 174 -16.78 6.92 -9.36
C LEU A 174 -16.37 5.47 -9.46
N TRP A 175 -15.44 5.05 -8.60
CA TRP A 175 -14.77 3.73 -8.70
C TRP A 175 -15.25 2.84 -7.56
N SER A 176 -15.19 1.53 -7.77
CA SER A 176 -15.39 0.49 -6.75
C SER A 176 -14.41 0.68 -5.61
N ALA A 177 -14.66 0.00 -4.50
CA ALA A 177 -13.62 -0.37 -3.53
C ALA A 177 -12.57 -1.20 -4.28
N PRO A 178 -11.30 -1.16 -3.86
CA PRO A 178 -10.25 -1.93 -4.53
C PRO A 178 -10.42 -3.42 -4.28
N SER A 179 -10.06 -4.26 -5.27
CA SER A 179 -9.96 -5.73 -5.11
C SER A 179 -8.99 -6.04 -3.95
N ASP A 180 -9.22 -7.16 -3.27
CA ASP A 180 -8.20 -7.82 -2.43
C ASP A 180 -6.91 -7.81 -3.21
N PRO A 181 -5.75 -7.65 -2.54
CA PRO A 181 -4.47 -7.60 -3.25
C PRO A 181 -4.18 -8.97 -3.87
N LEU A 182 -3.39 -8.97 -4.94
CA LEU A 182 -2.87 -10.18 -5.62
C LEU A 182 -1.37 -10.02 -5.74
N GLU A 183 -0.60 -10.94 -5.16
CA GLU A 183 0.87 -10.91 -5.19
C GLU A 183 1.28 -11.61 -6.50
N LEU A 184 1.98 -10.88 -7.36
CA LEU A 184 2.54 -11.44 -8.61
C LEU A 184 4.03 -11.67 -8.39
N VAL A 185 4.44 -12.93 -8.58
CA VAL A 185 5.80 -13.47 -8.30
C VAL A 185 6.41 -13.97 -9.61
N VAL A 186 7.45 -13.30 -10.08
CA VAL A 186 8.29 -13.69 -11.24
C VAL A 186 9.47 -14.51 -10.72
N THR A 187 9.40 -15.85 -10.87
CA THR A 187 10.51 -16.79 -10.55
C THR A 187 11.67 -16.55 -11.54
N GLY A 188 12.81 -17.23 -11.37
CA GLY A 188 13.99 -17.11 -12.25
C GLY A 188 13.75 -17.75 -13.61
N ASP A 189 14.65 -17.46 -14.56
CA ASP A 189 14.71 -18.07 -15.93
C ASP A 189 14.51 -19.58 -15.83
N PRO A 190 13.70 -20.21 -16.71
CA PRO A 190 13.42 -21.65 -16.63
C PRO A 190 14.45 -22.53 -17.36
N SER B 6 7.50 41.47 -17.97
CA SER B 6 7.31 40.00 -17.74
C SER B 6 7.36 39.24 -19.08
N GLY B 7 7.87 38.00 -19.04
CA GLY B 7 7.53 36.94 -19.99
C GLY B 7 6.16 36.32 -19.70
N PRO B 8 5.85 35.16 -20.29
CA PRO B 8 4.56 34.50 -20.05
C PRO B 8 4.50 33.84 -18.67
N LEU B 9 3.30 33.74 -18.07
CA LEU B 9 3.12 33.05 -16.76
C LEU B 9 3.12 31.54 -16.97
N PRO B 10 4.16 30.80 -16.51
CA PRO B 10 4.18 29.35 -16.69
C PRO B 10 3.07 28.72 -15.83
N LYS B 11 2.52 27.62 -16.32
CA LYS B 11 1.36 26.94 -15.70
C LYS B 11 1.80 26.39 -14.36
N PRO B 12 0.90 26.40 -13.35
CA PRO B 12 1.20 25.82 -12.05
C PRO B 12 1.00 24.31 -12.13
N SER B 13 1.45 23.62 -11.10
CA SER B 13 1.15 22.19 -10.87
C SER B 13 -0.08 22.09 -9.95
N LEU B 14 -0.94 21.09 -10.21
CA LEU B 14 -2.11 20.72 -9.37
C LEU B 14 -1.94 19.27 -8.89
N GLN B 15 -1.89 19.06 -7.59
CA GLN B 15 -1.70 17.72 -6.98
C GLN B 15 -2.83 17.40 -5.98
N ALA B 16 -3.17 16.13 -5.83
CA ALA B 16 -4.12 15.62 -4.80
C ALA B 16 -3.29 14.86 -3.76
N LEU B 17 -3.48 15.20 -2.48
CA LEU B 17 -2.63 14.73 -1.37
C LEU B 17 -3.53 14.15 -0.28
N PRO B 18 -3.32 12.88 0.12
CA PRO B 18 -2.17 12.08 -0.31
C PRO B 18 -2.25 11.45 -1.72
N SER B 19 -3.40 11.39 -2.37
CA SER B 19 -3.50 10.92 -3.77
C SER B 19 -4.84 11.32 -4.40
N SER B 20 -4.93 11.19 -5.73
CA SER B 20 -6.13 11.52 -6.52
C SER B 20 -7.16 10.37 -6.42
N LEU B 21 -6.76 9.23 -5.86
CA LEU B 21 -7.64 8.08 -5.55
C LEU B 21 -8.11 8.17 -4.11
N VAL B 22 -9.30 8.69 -3.87
CA VAL B 22 -9.80 9.06 -2.51
C VAL B 22 -11.02 8.21 -2.14
N PRO B 23 -10.98 7.41 -1.06
CA PRO B 23 -12.16 6.66 -0.66
C PRO B 23 -13.23 7.63 -0.16
N LEU B 24 -14.48 7.22 -0.29
CA LEU B 24 -15.62 8.00 0.22
C LEU B 24 -15.39 8.25 1.70
N GLU B 25 -15.73 9.46 2.16
CA GLU B 25 -15.74 9.90 3.57
C GLU B 25 -14.30 10.18 4.04
N LYS B 26 -13.32 10.14 3.12
CA LYS B 26 -11.89 10.35 3.45
C LYS B 26 -11.42 11.72 2.94
N PRO B 27 -10.55 12.37 3.73
CA PRO B 27 -10.06 13.69 3.38
C PRO B 27 -8.99 13.67 2.28
N VAL B 28 -8.89 14.77 1.55
CA VAL B 28 -7.86 14.97 0.47
C VAL B 28 -7.61 16.47 0.33
N THR B 29 -6.38 16.88 0.08
CA THR B 29 -6.00 18.28 -0.23
C THR B 29 -5.71 18.40 -1.74
N LEU B 30 -6.30 19.38 -2.41
CA LEU B 30 -5.89 19.82 -3.77
C LEU B 30 -4.95 21.02 -3.58
N ARG B 31 -3.69 20.87 -4.01
CA ARG B 31 -2.66 21.93 -3.88
C ARG B 31 -2.34 22.43 -5.28
N CYS B 32 -2.62 23.70 -5.53
CA CYS B 32 -2.15 24.42 -6.72
C CYS B 32 -0.85 25.14 -6.34
N GLN B 33 0.26 24.85 -7.01
CA GLN B 33 1.56 25.52 -6.76
C GLN B 33 2.03 26.22 -8.05
N GLY B 34 2.10 27.54 -7.99
CA GLY B 34 2.76 28.38 -9.00
C GLY B 34 4.09 28.89 -8.49
N PRO B 35 4.67 29.88 -9.18
CA PRO B 35 5.90 30.51 -8.71
C PRO B 35 5.58 31.39 -7.51
N PRO B 36 6.57 31.80 -6.69
CA PRO B 36 6.29 32.62 -5.51
C PRO B 36 5.72 34.03 -5.79
N GLY B 37 4.92 34.55 -4.86
CA GLY B 37 4.34 35.91 -4.87
C GLY B 37 3.42 36.17 -6.04
N VAL B 38 2.34 35.39 -6.17
CA VAL B 38 1.30 35.57 -7.22
C VAL B 38 0.07 36.21 -6.57
N ASP B 39 -0.75 36.91 -7.36
CA ASP B 39 -1.87 37.75 -6.85
C ASP B 39 -3.07 36.87 -6.46
N LEU B 40 -3.36 35.81 -7.19
CA LEU B 40 -4.64 35.07 -7.07
C LEU B 40 -4.45 33.69 -7.66
N TYR B 41 -5.00 32.67 -6.98
CA TYR B 41 -5.14 31.28 -7.45
C TYR B 41 -6.63 31.00 -7.69
N ARG B 42 -6.96 30.37 -8.80
CA ARG B 42 -8.33 29.86 -9.04
C ARG B 42 -8.28 28.35 -9.32
N LEU B 43 -9.07 27.58 -8.57
CA LEU B 43 -9.34 26.13 -8.79
C LEU B 43 -10.67 26.02 -9.53
N GLU B 44 -10.70 25.26 -10.61
CA GLU B 44 -11.88 25.16 -11.48
C GLU B 44 -12.22 23.67 -11.59
N LYS B 45 -13.44 23.29 -11.21
CA LYS B 45 -13.96 21.94 -11.49
C LYS B 45 -14.61 21.95 -12.88
N LEU B 46 -14.12 21.14 -13.82
CA LEU B 46 -14.55 21.16 -15.25
C LEU B 46 -15.91 20.48 -15.37
N SER B 47 -16.69 20.87 -16.39
CA SER B 47 -18.09 20.41 -16.62
C SER B 47 -18.93 20.73 -15.38
N SER B 48 -18.83 21.97 -14.90
CA SER B 48 -19.54 22.52 -13.73
C SER B 48 -19.33 24.05 -13.71
N SER B 49 -20.17 24.73 -12.93
CA SER B 49 -20.03 26.18 -12.62
C SER B 49 -19.20 26.37 -11.35
N ARG B 50 -18.43 25.37 -10.90
CA ARG B 50 -17.90 25.38 -9.51
C ARG B 50 -16.40 25.64 -9.53
N TYR B 51 -15.93 26.38 -8.53
CA TYR B 51 -14.55 26.91 -8.41
C TYR B 51 -14.28 27.27 -6.93
N GLN B 52 -13.01 27.49 -6.59
CA GLN B 52 -12.59 28.19 -5.37
C GLN B 52 -11.39 29.03 -5.76
N ASP B 53 -11.21 30.19 -5.13
CA ASP B 53 -10.12 31.15 -5.43
C ASP B 53 -9.02 30.99 -4.38
N GLN B 54 -8.58 29.76 -4.15
CA GLN B 54 -7.49 29.40 -3.19
C GLN B 54 -6.53 28.41 -3.84
N ALA B 55 -5.27 28.44 -3.45
CA ALA B 55 -4.20 27.51 -3.86
C ALA B 55 -4.45 26.12 -3.24
N VAL B 56 -4.80 26.11 -1.95
CA VAL B 56 -4.99 24.87 -1.16
C VAL B 56 -6.47 24.74 -0.82
N LEU B 57 -7.08 23.63 -1.21
CA LEU B 57 -8.48 23.32 -0.83
C LEU B 57 -8.47 22.01 -0.09
N PHE B 58 -8.77 22.07 1.21
CA PHE B 58 -8.95 20.86 2.03
C PHE B 58 -10.38 20.37 1.83
N ILE B 59 -10.54 19.12 1.39
CA ILE B 59 -11.85 18.43 1.31
C ILE B 59 -11.91 17.50 2.51
N PRO B 60 -12.72 17.80 3.54
CA PRO B 60 -12.71 17.01 4.77
C PRO B 60 -13.26 15.57 4.59
N ALA B 61 -14.12 15.36 3.61
CA ALA B 61 -14.78 14.06 3.34
C ALA B 61 -15.05 13.99 1.85
N MET B 62 -14.48 12.99 1.17
CA MET B 62 -14.71 12.79 -0.28
C MET B 62 -16.15 12.34 -0.50
N LYS B 63 -16.79 12.86 -1.53
CA LYS B 63 -18.18 12.51 -1.89
C LYS B 63 -18.25 12.28 -3.41
N ARG B 64 -19.27 11.57 -3.88
CA ARG B 64 -19.48 11.34 -5.34
C ARG B 64 -19.44 12.69 -6.09
N SER B 65 -20.04 13.74 -5.53
CA SER B 65 -20.31 15.06 -6.16
C SER B 65 -19.02 15.87 -6.31
N LEU B 66 -17.93 15.41 -5.71
CA LEU B 66 -16.62 16.10 -5.78
C LEU B 66 -15.69 15.40 -6.77
N ALA B 67 -16.05 14.20 -7.23
CA ALA B 67 -15.22 13.44 -8.17
C ALA B 67 -15.31 14.11 -9.55
N GLY B 68 -14.20 14.10 -10.27
CA GLY B 68 -14.15 14.64 -11.64
C GLY B 68 -12.84 15.31 -11.97
N ARG B 69 -12.92 16.25 -12.90
CA ARG B 69 -11.75 16.88 -13.53
C ARG B 69 -11.61 18.27 -12.93
N TYR B 70 -10.38 18.61 -12.57
CA TYR B 70 -10.01 19.92 -12.00
C TYR B 70 -8.81 20.46 -12.76
N ARG B 71 -8.71 21.80 -12.79
CA ARG B 71 -7.46 22.50 -13.16
C ARG B 71 -7.36 23.76 -12.32
N CYS B 72 -6.17 24.31 -12.23
CA CYS B 72 -5.97 25.62 -11.59
C CYS B 72 -5.08 26.51 -12.46
N SER B 73 -5.28 27.81 -12.32
CA SER B 73 -4.43 28.86 -12.90
C SER B 73 -4.22 29.92 -11.82
N TYR B 74 -3.22 30.79 -12.02
CA TYR B 74 -2.92 31.91 -11.11
C TYR B 74 -2.85 33.20 -11.94
N GLN B 75 -3.05 34.32 -11.25
CA GLN B 75 -2.99 35.67 -11.83
C GLN B 75 -1.78 36.38 -11.27
N GLN B 76 -1.14 37.19 -12.08
CA GLN B 76 -0.10 38.14 -11.63
C GLN B 76 -0.28 39.45 -12.38
N GLY B 77 -0.34 40.56 -11.64
CA GLY B 77 -0.81 41.83 -12.18
C GLY B 77 -2.07 41.56 -12.98
N SER B 78 -1.99 41.80 -14.28
CA SER B 78 -3.16 41.74 -15.19
C SER B 78 -3.28 40.35 -15.83
N LEU B 79 -2.16 39.61 -15.92
CA LEU B 79 -1.99 38.38 -16.71
C LEU B 79 -2.45 37.14 -15.93
N TRP B 80 -3.01 36.17 -16.66
CA TRP B 80 -3.38 34.83 -16.16
C TRP B 80 -2.41 33.79 -16.73
N SER B 81 -1.99 32.87 -15.88
CA SER B 81 -1.23 31.66 -16.29
C SER B 81 -2.06 30.85 -17.26
N LEU B 82 -1.39 30.00 -18.02
CA LEU B 82 -2.07 28.81 -18.61
C LEU B 82 -2.50 27.89 -17.46
N PRO B 83 -3.57 27.11 -17.64
CA PRO B 83 -3.97 26.13 -16.62
C PRO B 83 -2.98 24.99 -16.35
N SER B 84 -3.02 24.45 -15.14
CA SER B 84 -2.33 23.19 -14.77
C SER B 84 -2.75 22.06 -15.72
N ASP B 85 -1.93 21.01 -15.82
CA ASP B 85 -2.44 19.70 -16.31
C ASP B 85 -3.68 19.38 -15.47
N GLN B 86 -4.66 18.77 -16.14
CA GLN B 86 -5.96 18.32 -15.59
C GLN B 86 -5.70 17.29 -14.48
N LEU B 87 -6.35 17.47 -13.34
CA LEU B 87 -6.34 16.45 -12.26
C LEU B 87 -7.65 15.67 -12.34
N GLU B 88 -7.56 14.36 -12.38
CA GLU B 88 -8.71 13.43 -12.32
C GLU B 88 -8.84 13.03 -10.85
N LEU B 89 -9.79 13.60 -10.13
CA LEU B 89 -10.04 13.24 -8.71
C LEU B 89 -11.09 12.13 -8.67
N VAL B 90 -10.73 10.96 -8.14
CA VAL B 90 -11.58 9.74 -8.15
C VAL B 90 -12.07 9.46 -6.73
N ALA B 91 -13.37 9.23 -6.59
CA ALA B 91 -13.99 8.66 -5.39
C ALA B 91 -13.92 7.13 -5.53
N THR B 92 -13.26 6.43 -4.61
CA THR B 92 -13.23 4.94 -4.57
C THR B 92 -14.20 4.49 -3.48
N GLY B 93 -14.52 3.20 -3.45
CA GLY B 93 -15.45 2.59 -2.47
C GLY B 93 -16.91 2.94 -2.72
N VAL B 94 -17.26 3.32 -3.96
CA VAL B 94 -18.67 3.65 -4.31
C VAL B 94 -19.47 2.35 -4.50
N PHE B 95 -18.80 1.29 -4.93
CA PHE B 95 -19.42 -0.01 -5.23
C PHE B 95 -18.54 -1.09 -4.60
N ALA B 96 -19.12 -2.27 -4.40
CA ALA B 96 -18.43 -3.44 -3.82
C ALA B 96 -17.25 -3.82 -4.71
N LYS B 97 -16.20 -4.39 -4.11
CA LYS B 97 -14.91 -4.63 -4.79
C LYS B 97 -15.09 -5.69 -5.87
N PRO B 98 -14.29 -5.62 -6.94
CA PRO B 98 -14.17 -6.71 -7.88
C PRO B 98 -13.15 -7.76 -7.38
N SER B 99 -12.98 -8.84 -8.17
CA SER B 99 -11.97 -9.91 -7.97
C SER B 99 -10.80 -9.67 -8.91
N LEU B 100 -9.57 -9.77 -8.41
CA LEU B 100 -8.37 -9.81 -9.27
C LEU B 100 -7.79 -11.24 -9.19
N SER B 101 -7.52 -11.87 -10.33
CA SER B 101 -6.89 -13.20 -10.43
C SER B 101 -5.77 -13.16 -11.46
N ALA B 102 -4.96 -14.21 -11.55
CA ALA B 102 -3.87 -14.32 -12.54
C ALA B 102 -4.00 -15.65 -13.29
N GLN B 103 -3.87 -15.58 -14.63
CA GLN B 103 -3.86 -16.74 -15.56
C GLN B 103 -2.50 -16.77 -16.26
N PRO B 104 -1.75 -17.90 -16.20
CA PRO B 104 -2.23 -19.17 -15.60
C PRO B 104 -2.43 -19.18 -14.08
N GLY B 105 -1.51 -18.55 -13.34
CA GLY B 105 -1.57 -18.33 -11.88
C GLY B 105 -0.65 -17.19 -11.46
N PRO B 106 -0.54 -16.87 -10.14
CA PRO B 106 0.31 -15.76 -9.69
C PRO B 106 1.84 -15.94 -9.69
N ALA B 107 2.36 -17.17 -9.80
CA ALA B 107 3.80 -17.43 -10.03
C ALA B 107 4.01 -17.67 -11.53
N VAL B 108 5.02 -17.05 -12.15
CA VAL B 108 5.35 -17.28 -13.59
C VAL B 108 6.84 -17.07 -13.81
N SER B 109 7.40 -17.82 -14.76
CA SER B 109 8.85 -17.82 -15.06
C SER B 109 9.22 -16.50 -15.76
N SER B 110 10.42 -15.99 -15.45
CA SER B 110 11.03 -14.78 -16.08
C SER B 110 11.18 -15.02 -17.59
N GLY B 111 10.72 -14.09 -18.43
CA GLY B 111 10.62 -14.23 -19.89
C GLY B 111 9.26 -14.75 -20.36
N GLY B 112 8.47 -15.37 -19.46
CA GLY B 112 7.12 -15.89 -19.76
C GLY B 112 6.07 -14.79 -19.86
N ASP B 113 4.80 -15.19 -19.84
CA ASP B 113 3.63 -14.29 -20.06
C ASP B 113 2.49 -14.70 -19.11
N VAL B 114 1.80 -13.70 -18.56
CA VAL B 114 0.68 -13.84 -17.58
C VAL B 114 -0.38 -12.79 -17.90
N THR B 115 -1.62 -13.06 -17.55
CA THR B 115 -2.73 -12.08 -17.72
C THR B 115 -3.51 -11.98 -16.41
N LEU B 116 -3.69 -10.74 -15.94
CA LEU B 116 -4.52 -10.41 -14.75
C LEU B 116 -5.95 -10.12 -15.21
N GLN B 117 -6.91 -10.77 -14.59
CA GLN B 117 -8.35 -10.70 -14.89
C GLN B 117 -9.03 -10.00 -13.71
N CYS B 118 -9.57 -8.81 -13.93
CA CYS B 118 -10.46 -8.10 -12.98
C CYS B 118 -11.92 -8.36 -13.38
N GLN B 119 -12.70 -9.04 -12.54
CA GLN B 119 -14.11 -9.44 -12.81
C GLN B 119 -15.02 -8.81 -11.75
N THR B 120 -16.23 -8.36 -12.12
CA THR B 120 -17.18 -7.74 -11.16
C THR B 120 -18.62 -8.23 -11.36
N ARG B 121 -19.33 -8.42 -10.23
CA ARG B 121 -20.68 -9.04 -10.07
C ARG B 121 -21.78 -8.01 -10.38
N TYR B 122 -21.39 -6.83 -10.85
CA TYR B 122 -22.25 -5.79 -11.45
C TYR B 122 -22.08 -5.79 -12.98
N GLY B 123 -22.78 -4.87 -13.66
CA GLY B 123 -22.78 -4.71 -15.13
C GLY B 123 -21.55 -4.01 -15.69
N PHE B 124 -20.69 -3.41 -14.82
CA PHE B 124 -19.66 -2.35 -15.07
C PHE B 124 -18.64 -2.75 -16.14
N ASP B 125 -18.23 -1.77 -16.97
CA ASP B 125 -17.62 -2.01 -18.30
C ASP B 125 -16.16 -1.60 -18.32
N GLN B 126 -15.67 -0.87 -17.30
CA GLN B 126 -14.27 -0.34 -17.27
C GLN B 126 -13.57 -0.81 -15.99
N PHE B 127 -12.25 -0.83 -16.03
CA PHE B 127 -11.36 -1.41 -15.00
C PHE B 127 -10.08 -0.61 -15.03
N ALA B 128 -9.43 -0.46 -13.87
CA ALA B 128 -8.08 0.10 -13.75
C ALA B 128 -7.26 -0.85 -12.88
N LEU B 129 -5.99 -1.01 -13.21
CA LEU B 129 -5.08 -1.89 -12.46
C LEU B 129 -4.00 -1.02 -11.85
N TYR B 130 -3.76 -1.17 -10.56
CA TYR B 130 -2.75 -0.40 -9.81
C TYR B 130 -1.79 -1.38 -9.15
N LYS B 131 -0.52 -1.01 -9.21
CA LYS B 131 0.62 -1.72 -8.59
C LYS B 131 1.12 -0.85 -7.44
N GLU B 132 1.08 -1.34 -6.19
CA GLU B 132 1.63 -0.67 -4.99
C GLU B 132 3.04 -0.15 -5.28
N GLY B 133 3.28 1.13 -4.97
CA GLY B 133 4.64 1.72 -4.95
C GLY B 133 5.42 1.19 -3.76
N ASP B 134 6.74 1.43 -3.73
CA ASP B 134 7.66 0.97 -2.64
C ASP B 134 7.56 1.94 -1.47
N PRO B 135 7.47 1.47 -0.20
CA PRO B 135 7.42 2.35 0.96
C PRO B 135 8.72 3.14 1.16
N ALA B 136 8.61 4.38 1.64
CA ALA B 136 9.74 5.32 1.89
C ALA B 136 10.01 5.42 3.40
N PRO B 137 11.28 5.31 3.87
CA PRO B 137 11.59 5.52 5.29
C PRO B 137 11.67 7.00 5.70
N TYR B 138 11.58 7.26 7.01
CA TYR B 138 11.80 8.58 7.66
C TYR B 138 13.25 8.61 8.21
N ALA B 147 11.26 5.10 19.33
CA ALA B 147 9.83 5.19 19.73
C ALA B 147 9.20 6.49 19.20
N SER B 148 9.91 7.62 19.25
CA SER B 148 9.32 8.94 18.93
C SER B 148 9.96 9.53 17.68
N PHE B 149 9.09 9.91 16.75
CA PHE B 149 9.42 10.43 15.40
C PHE B 149 8.75 11.79 15.30
N PRO B 150 9.43 12.89 15.66
CA PRO B 150 8.85 14.21 15.63
C PRO B 150 8.66 14.62 14.17
N ILE B 151 7.67 15.45 13.88
CA ILE B 151 7.50 16.13 12.56
C ILE B 151 7.10 17.57 12.85
N ILE B 152 7.87 18.49 12.29
CA ILE B 152 7.90 19.95 12.63
C ILE B 152 7.37 20.69 11.41
N THR B 153 6.43 21.60 11.63
CA THR B 153 5.86 22.47 10.58
C THR B 153 5.34 21.52 9.49
N VAL B 154 4.33 20.71 9.80
CA VAL B 154 3.74 19.74 8.84
C VAL B 154 3.12 20.52 7.68
N THR B 155 3.09 19.86 6.54
CA THR B 155 2.53 20.35 5.27
C THR B 155 1.57 19.25 4.79
N ALA B 156 0.76 19.53 3.78
CA ALA B 156 -0.16 18.55 3.17
C ALA B 156 0.64 17.36 2.59
N ALA B 157 1.92 17.56 2.27
CA ALA B 157 2.87 16.51 1.81
C ALA B 157 3.06 15.41 2.88
N HIS B 158 2.85 15.70 4.16
CA HIS B 158 2.97 14.69 5.25
C HIS B 158 1.72 13.83 5.33
N SER B 159 0.57 14.29 4.82
CA SER B 159 -0.68 13.48 4.83
C SER B 159 -0.37 12.10 4.24
N GLY B 160 -0.86 11.03 4.86
CA GLY B 160 -0.73 9.68 4.28
C GLY B 160 -0.74 8.57 5.31
N THR B 161 -0.40 7.37 4.87
CA THR B 161 -0.41 6.13 5.68
C THR B 161 1.00 5.81 6.14
N TYR B 162 1.19 5.64 7.44
CA TYR B 162 2.50 5.34 8.08
C TYR B 162 2.38 3.98 8.75
N ARG B 163 3.46 3.21 8.73
CA ARG B 163 3.60 1.99 9.55
C ARG B 163 5.01 2.03 10.18
N CYS B 164 5.13 1.46 11.37
CA CYS B 164 6.43 1.33 12.08
C CYS B 164 6.78 -0.14 12.32
N TYR B 165 8.07 -0.41 12.41
CA TYR B 165 8.67 -1.71 12.73
C TYR B 165 9.49 -1.54 14.00
N SER B 166 9.37 -2.51 14.89
CA SER B 166 10.26 -2.66 16.08
C SER B 166 11.22 -3.82 15.82
N PHE B 167 12.51 -3.61 16.03
CA PHE B 167 13.52 -4.69 16.04
C PHE B 167 14.41 -4.58 17.28
N SER B 168 15.19 -5.64 17.52
CA SER B 168 16.38 -5.65 18.43
C SER B 168 17.66 -5.46 17.61
N SER B 169 18.53 -4.57 18.07
CA SER B 169 19.89 -4.34 17.54
C SER B 169 20.76 -5.60 17.65
N ARG B 170 20.29 -6.61 18.39
CA ARG B 170 20.84 -8.00 18.40
C ARG B 170 20.91 -8.51 16.94
N ASP B 171 19.90 -8.19 16.13
CA ASP B 171 19.71 -8.66 14.73
C ASP B 171 19.05 -7.54 13.93
N PRO B 172 19.85 -6.61 13.35
CA PRO B 172 19.32 -5.35 12.83
C PRO B 172 18.54 -5.51 11.51
N TYR B 173 18.48 -6.71 10.93
CA TYR B 173 17.75 -7.00 9.67
C TYR B 173 16.63 -8.00 9.91
N LEU B 174 16.33 -8.31 11.18
CA LEU B 174 15.13 -9.13 11.56
C LEU B 174 14.10 -8.22 12.26
N TRP B 175 12.99 -7.93 11.57
CA TRP B 175 12.03 -6.88 12.01
C TRP B 175 10.68 -7.50 12.33
N SER B 176 9.86 -6.75 13.07
CA SER B 176 8.49 -7.16 13.44
C SER B 176 7.66 -7.21 12.17
N ALA B 177 6.47 -7.82 12.25
CA ALA B 177 5.34 -7.44 11.38
C ALA B 177 5.15 -5.94 11.59
N PRO B 178 4.70 -5.20 10.55
CA PRO B 178 4.48 -3.76 10.68
C PRO B 178 3.25 -3.44 11.54
N SER B 179 3.25 -2.28 12.18
CA SER B 179 2.07 -1.78 12.95
C SER B 179 0.89 -1.70 12.02
N ASP B 180 -0.32 -1.81 12.57
CA ASP B 180 -1.56 -1.35 11.92
C ASP B 180 -1.24 0.02 11.31
N PRO B 181 -1.80 0.34 10.13
CA PRO B 181 -1.52 1.61 9.48
C PRO B 181 -2.10 2.77 10.30
N LEU B 182 -1.42 3.91 10.28
CA LEU B 182 -1.90 5.20 10.87
C LEU B 182 -2.13 6.22 9.75
N GLU B 183 -3.36 6.73 9.59
CA GLU B 183 -3.66 7.77 8.58
C GLU B 183 -3.40 9.13 9.25
N LEU B 184 -2.36 9.83 8.79
CA LEU B 184 -2.07 11.20 9.20
C LEU B 184 -2.78 12.15 8.23
N VAL B 185 -3.52 13.12 8.76
CA VAL B 185 -4.32 14.09 7.96
C VAL B 185 -3.91 15.50 8.34
N VAL B 186 -3.36 16.22 7.39
CA VAL B 186 -3.01 17.67 7.54
C VAL B 186 -4.17 18.47 6.95
N THR B 187 -4.94 19.06 7.84
CA THR B 187 -6.12 19.92 7.56
C THR B 187 -5.61 21.26 7.03
N GLY B 188 -6.50 22.09 6.49
CA GLY B 188 -6.12 23.41 5.93
C GLY B 188 -5.50 24.29 7.00
N ASP B 189 -4.56 25.15 6.63
CA ASP B 189 -4.07 26.27 7.47
C ASP B 189 -5.30 27.13 7.78
N PRO B 190 -5.55 27.52 9.05
CA PRO B 190 -6.53 28.58 9.35
C PRO B 190 -5.88 29.98 9.36
N ILE B 191 -4.56 30.06 9.10
CA ILE B 191 -3.71 31.30 8.94
C ILE B 191 -3.20 31.34 7.49
N GLN C 1 -14.24 12.76 7.83
CA GLN C 1 -15.74 12.74 7.99
C GLN C 1 -16.23 14.15 8.39
N VAL C 2 -17.46 14.53 8.04
CA VAL C 2 -18.05 15.84 8.47
C VAL C 2 -19.39 15.64 9.14
N GLN C 3 -19.83 16.67 9.86
CA GLN C 3 -21.12 16.77 10.59
C GLN C 3 -21.90 17.94 10.03
N LEU C 4 -23.17 17.73 9.69
CA LEU C 4 -24.23 18.77 9.73
C LEU C 4 -25.27 18.34 10.77
N GLN C 5 -25.19 18.91 11.98
CA GLN C 5 -26.09 18.62 13.13
C GLN C 5 -27.38 19.43 13.01
N GLU C 6 -28.53 18.79 12.99
CA GLU C 6 -29.80 19.43 12.58
C GLU C 6 -30.52 19.90 13.83
N SER C 7 -31.17 21.06 13.74
CA SER C 7 -32.07 21.60 14.79
C SER C 7 -33.37 22.10 14.18
N GLY C 8 -34.49 21.88 14.89
CA GLY C 8 -35.81 22.45 14.59
C GLY C 8 -36.69 21.51 13.79
N GLY C 9 -37.81 22.04 13.28
CA GLY C 9 -38.84 21.30 12.51
C GLY C 9 -40.08 21.03 13.35
N GLY C 10 -40.99 20.20 12.83
CA GLY C 10 -42.25 19.78 13.49
C GLY C 10 -43.48 20.53 12.97
N LEU C 11 -44.41 20.79 13.89
CA LEU C 11 -45.87 20.99 13.63
C LEU C 11 -46.16 22.48 13.76
N VAL C 12 -46.63 23.14 12.71
CA VAL C 12 -46.88 24.61 12.83
C VAL C 12 -48.15 25.01 12.09
N GLN C 13 -48.88 25.98 12.67
CA GLN C 13 -50.14 26.56 12.16
C GLN C 13 -49.83 27.39 10.91
N PRO C 14 -50.68 27.34 9.86
CA PRO C 14 -50.56 28.25 8.71
C PRO C 14 -50.39 29.71 9.15
N GLY C 15 -49.46 30.42 8.52
CA GLY C 15 -49.12 31.81 8.86
C GLY C 15 -48.10 31.93 9.99
N GLY C 16 -47.83 30.84 10.71
CA GLY C 16 -46.76 30.80 11.75
C GLY C 16 -45.36 30.71 11.14
N SER C 17 -44.34 30.76 12.00
CA SER C 17 -42.93 30.70 11.56
C SER C 17 -42.13 29.68 12.39
N LEU C 18 -41.03 29.19 11.81
CA LEU C 18 -39.97 28.47 12.56
C LEU C 18 -38.59 28.65 11.91
N ARG C 19 -37.58 28.24 12.64
CA ARG C 19 -36.15 28.36 12.28
C ARG C 19 -35.58 26.95 12.24
N LEU C 20 -35.04 26.57 11.09
CA LEU C 20 -34.17 25.40 10.94
C LEU C 20 -32.72 25.87 11.06
N SER C 21 -31.86 25.01 11.58
CA SER C 21 -30.40 25.24 11.69
C SER C 21 -29.65 23.95 11.40
N CYS C 22 -28.39 24.10 10.99
CA CYS C 22 -27.39 23.03 10.97
C CYS C 22 -26.11 23.63 11.53
N ALA C 23 -25.54 22.96 12.53
CA ALA C 23 -24.22 23.21 13.13
C ALA C 23 -23.17 22.31 12.43
N ALA C 24 -22.19 22.90 11.78
CA ALA C 24 -21.09 22.17 11.10
C ALA C 24 -20.11 21.61 12.14
N ALA C 25 -19.42 20.52 11.79
CA ALA C 25 -18.14 20.11 12.43
C ALA C 25 -17.29 19.35 11.42
N GLY C 26 -15.97 19.50 11.54
CA GLY C 26 -14.96 18.95 10.63
C GLY C 26 -14.60 19.97 9.57
N PHE C 27 -15.26 21.13 9.62
CA PHE C 27 -15.11 22.23 8.65
C PHE C 27 -15.86 23.43 9.22
N THR C 28 -15.64 24.60 8.63
CA THR C 28 -16.39 25.83 8.96
C THR C 28 -17.04 26.34 7.67
N PHE C 29 -18.07 27.16 7.82
CA PHE C 29 -18.92 27.66 6.72
C PHE C 29 -18.32 28.91 6.05
N ASP C 30 -17.28 29.52 6.61
CA ASP C 30 -16.65 30.77 6.07
C ASP C 30 -16.57 30.76 4.52
N TYR C 31 -15.99 29.72 3.92
CA TYR C 31 -15.58 29.74 2.50
C TYR C 31 -16.31 28.63 1.75
N TYR C 32 -17.51 28.32 2.23
CA TYR C 32 -18.40 27.24 1.73
C TYR C 32 -19.69 27.86 1.19
N ALA C 33 -20.17 27.24 0.11
CA ALA C 33 -21.51 27.44 -0.46
C ALA C 33 -22.50 26.85 0.53
N ILE C 34 -23.63 27.53 0.78
CA ILE C 34 -24.73 27.04 1.65
C ILE C 34 -26.08 27.11 0.91
N ALA C 35 -26.96 26.19 1.25
CA ALA C 35 -28.25 26.01 0.57
C ALA C 35 -29.19 25.23 1.47
N TRP C 36 -30.48 25.49 1.29
CA TRP C 36 -31.59 24.65 1.78
C TRP C 36 -32.32 24.08 0.56
N PHE C 37 -32.62 22.79 0.60
CA PHE C 37 -33.48 22.06 -0.36
C PHE C 37 -34.67 21.51 0.41
N ARG C 38 -35.76 21.18 -0.28
CA ARG C 38 -36.91 20.51 0.36
C ARG C 38 -37.49 19.47 -0.59
N GLN C 39 -38.07 18.43 -0.02
CA GLN C 39 -38.84 17.43 -0.80
C GLN C 39 -40.20 17.27 -0.14
N ALA C 40 -41.24 17.80 -0.80
CA ALA C 40 -42.64 17.69 -0.34
C ALA C 40 -43.14 16.29 -0.74
N PRO C 41 -44.20 15.74 -0.11
CA PRO C 41 -44.72 14.43 -0.51
C PRO C 41 -45.14 14.38 -1.99
N GLY C 42 -44.58 13.42 -2.74
CA GLY C 42 -44.95 13.08 -4.13
C GLY C 42 -44.32 13.99 -5.18
N LYS C 43 -43.54 14.99 -4.76
CA LYS C 43 -42.88 15.99 -5.65
C LYS C 43 -41.38 15.72 -5.70
N GLU C 44 -40.68 16.32 -6.68
CA GLU C 44 -39.20 16.24 -6.83
C GLU C 44 -38.55 17.17 -5.81
N ARG C 45 -37.32 16.86 -5.41
CA ARG C 45 -36.45 17.72 -4.55
C ARG C 45 -36.24 19.08 -5.23
N GLU C 46 -36.44 20.15 -4.48
CA GLU C 46 -36.43 21.55 -5.00
C GLU C 46 -35.44 22.37 -4.16
N GLY C 47 -34.57 23.14 -4.82
CA GLY C 47 -33.76 24.21 -4.20
C GLY C 47 -34.69 25.28 -3.62
N VAL C 48 -34.46 25.74 -2.40
CA VAL C 48 -35.31 26.75 -1.71
C VAL C 48 -34.54 28.07 -1.58
N SER C 49 -33.25 28.01 -1.27
CA SER C 49 -32.39 29.20 -1.07
C SER C 49 -30.91 28.80 -1.11
N CYS C 50 -30.06 29.61 -1.72
CA CYS C 50 -28.59 29.43 -1.62
C CYS C 50 -27.84 30.75 -1.66
N ILE C 51 -26.66 30.70 -1.06
CA ILE C 51 -25.51 31.61 -1.27
C ILE C 51 -24.37 30.72 -1.77
N SER C 52 -24.11 30.72 -3.06
CA SER C 52 -23.13 29.80 -3.69
C SER C 52 -21.79 30.50 -3.90
N SER C 53 -21.66 31.78 -3.57
CA SER C 53 -20.45 32.57 -3.91
C SER C 53 -20.14 33.64 -2.86
N SER C 54 -18.94 34.19 -2.91
CA SER C 54 -18.46 35.28 -2.03
C SER C 54 -19.00 36.62 -2.53
N ASP C 55 -19.88 36.65 -3.53
CA ASP C 55 -20.40 37.94 -4.04
C ASP C 55 -21.61 38.34 -3.20
N GLY C 56 -22.09 37.46 -2.32
CA GLY C 56 -23.21 37.75 -1.40
C GLY C 56 -24.56 37.37 -1.96
N THR C 57 -24.80 37.61 -3.27
CA THR C 57 -26.05 37.24 -4.00
C THR C 57 -26.63 35.95 -3.40
N THR C 58 -27.88 36.05 -3.02
CA THR C 58 -28.73 34.95 -2.54
C THR C 58 -29.75 34.63 -3.63
N TYR C 59 -30.03 33.36 -3.88
CA TYR C 59 -31.19 32.95 -4.70
C TYR C 59 -32.27 32.42 -3.75
N TYR C 60 -33.53 32.74 -4.05
CA TYR C 60 -34.74 32.16 -3.42
C TYR C 60 -35.70 31.70 -4.53
N ALA C 61 -36.18 30.46 -4.48
CA ALA C 61 -37.30 29.98 -5.33
C ALA C 61 -38.44 31.00 -5.28
N ASP C 62 -39.14 31.18 -6.40
CA ASP C 62 -40.24 32.18 -6.55
C ASP C 62 -41.24 32.02 -5.40
N SER C 63 -41.61 30.76 -5.08
CA SER C 63 -42.68 30.41 -4.10
C SER C 63 -42.31 30.75 -2.65
N VAL C 64 -41.06 31.09 -2.33
CA VAL C 64 -40.67 31.39 -0.92
C VAL C 64 -40.12 32.81 -0.78
N LYS C 65 -39.75 33.46 -1.89
CA LYS C 65 -39.24 34.85 -1.91
C LYS C 65 -40.12 35.73 -1.01
N GLY C 66 -39.50 36.46 -0.07
CA GLY C 66 -40.17 37.40 0.84
C GLY C 66 -40.64 36.74 2.13
N ARG C 67 -40.69 35.40 2.21
CA ARG C 67 -41.16 34.66 3.41
C ARG C 67 -39.98 33.96 4.12
N PHE C 68 -39.01 33.48 3.35
CA PHE C 68 -37.89 32.62 3.84
C PHE C 68 -36.59 33.42 3.75
N THR C 69 -35.76 33.31 4.77
CA THR C 69 -34.41 33.93 4.82
C THR C 69 -33.37 32.84 5.10
N ILE C 70 -32.34 32.76 4.27
CA ILE C 70 -31.14 31.94 4.55
C ILE C 70 -30.09 32.84 5.17
N SER C 71 -29.39 32.35 6.19
CA SER C 71 -28.32 33.11 6.86
C SER C 71 -27.35 32.14 7.52
N LYS C 72 -26.34 32.70 8.17
CA LYS C 72 -25.07 32.02 8.47
C LYS C 72 -24.46 32.79 9.65
N ASP C 73 -23.99 32.09 10.67
CA ASP C 73 -23.14 32.68 11.73
C ASP C 73 -21.85 31.85 11.69
N ASN C 74 -20.83 32.35 11.01
CA ASN C 74 -19.50 31.70 10.92
C ASN C 74 -18.95 31.43 12.32
N ALA C 75 -19.06 32.37 13.27
CA ALA C 75 -18.50 32.19 14.64
C ALA C 75 -19.17 31.00 15.33
N LYS C 76 -20.48 30.82 15.15
CA LYS C 76 -21.25 29.71 15.76
C LYS C 76 -21.22 28.45 14.88
N ASN C 77 -20.61 28.51 13.68
CA ASN C 77 -20.50 27.31 12.83
C ASN C 77 -21.90 26.78 12.54
N THR C 78 -22.82 27.70 12.29
CA THR C 78 -24.26 27.39 12.12
C THR C 78 -24.82 28.09 10.88
N MET C 79 -25.62 27.38 10.10
CA MET C 79 -26.45 27.96 9.01
C MET C 79 -27.93 27.86 9.40
N TYR C 80 -28.74 28.78 8.90
CA TYR C 80 -30.15 28.95 9.33
C TYR C 80 -31.08 29.05 8.13
N LEU C 81 -32.30 28.54 8.26
CA LEU C 81 -33.44 28.96 7.39
C LEU C 81 -34.54 29.54 8.29
N GLN C 82 -34.78 30.85 8.22
CA GLN C 82 -35.94 31.51 8.89
C GLN C 82 -37.14 31.38 7.96
N MET C 83 -38.19 30.69 8.39
CA MET C 83 -39.38 30.39 7.56
C MET C 83 -40.57 31.11 8.17
N ASN C 84 -41.08 32.14 7.49
CA ASN C 84 -42.20 33.02 7.95
C ASN C 84 -43.43 32.84 7.05
N SER C 85 -44.63 33.06 7.61
CA SER C 85 -45.94 33.05 6.90
C SER C 85 -46.12 31.71 6.20
N LEU C 86 -46.11 30.63 6.97
CA LEU C 86 -46.03 29.25 6.39
C LEU C 86 -47.38 28.86 5.80
N LYS C 87 -47.33 28.38 4.56
CA LYS C 87 -48.48 27.82 3.80
C LYS C 87 -48.43 26.31 3.93
N PRO C 88 -49.56 25.60 3.73
CA PRO C 88 -49.56 24.15 3.54
C PRO C 88 -48.55 23.60 2.52
N GLU C 89 -48.29 24.32 1.42
CA GLU C 89 -47.34 23.84 0.37
C GLU C 89 -45.90 23.80 0.94
N ASP C 90 -45.66 24.40 2.09
CA ASP C 90 -44.33 24.41 2.72
C ASP C 90 -44.06 23.06 3.42
N THR C 91 -45.09 22.27 3.69
CA THR C 91 -44.95 20.91 4.30
C THR C 91 -43.97 20.08 3.45
N ALA C 92 -42.83 19.71 4.04
CA ALA C 92 -41.76 18.98 3.33
C ALA C 92 -40.69 18.51 4.31
N VAL C 93 -39.82 17.63 3.82
CA VAL C 93 -38.49 17.35 4.43
C VAL C 93 -37.52 18.44 3.95
N TYR C 94 -36.89 19.17 4.86
CA TYR C 94 -35.90 20.22 4.52
C TYR C 94 -34.49 19.68 4.79
N TYR C 95 -33.56 20.05 3.89
CA TYR C 95 -32.15 19.62 3.89
C TYR C 95 -31.23 20.85 3.82
N CYS C 96 -30.40 21.05 4.85
CA CYS C 96 -29.23 21.94 4.75
C CYS C 96 -28.21 21.28 3.85
N ALA C 97 -27.49 22.08 3.07
CA ALA C 97 -26.49 21.56 2.14
C ALA C 97 -25.36 22.58 2.06
N THR C 98 -24.15 22.09 1.80
CA THR C 98 -22.95 22.94 1.81
C THR C 98 -21.89 22.29 0.94
N SER C 99 -20.96 23.10 0.47
CA SER C 99 -19.87 22.67 -0.43
C SER C 99 -18.67 23.54 -0.16
N PRO C 100 -17.46 22.95 -0.11
CA PRO C 100 -16.22 23.71 -0.14
C PRO C 100 -15.97 24.39 -1.49
N LEU C 101 -16.82 24.17 -2.50
CA LEU C 101 -16.69 24.87 -3.79
C LEU C 101 -17.79 25.90 -3.93
N TYR C 102 -17.43 27.09 -4.40
CA TYR C 102 -18.42 28.08 -4.86
C TYR C 102 -18.96 27.62 -6.20
N SER C 103 -20.01 28.28 -6.68
CA SER C 103 -20.69 28.03 -7.98
C SER C 103 -21.19 29.36 -8.58
N THR C 104 -21.18 29.47 -9.90
CA THR C 104 -21.65 30.69 -10.61
C THR C 104 -23.09 30.51 -11.07
N ASN C 105 -23.67 29.34 -10.84
CA ASN C 105 -25.08 29.05 -11.16
C ASN C 105 -25.97 30.10 -10.49
N ASP C 106 -26.98 30.57 -11.23
CA ASP C 106 -27.92 31.65 -10.80
C ASP C 106 -28.93 31.05 -9.80
N ARG C 107 -28.99 29.72 -9.70
CA ARG C 107 -30.06 28.93 -9.02
C ARG C 107 -29.46 27.71 -8.27
N CYS C 108 -30.12 27.21 -7.22
CA CYS C 108 -29.62 26.08 -6.39
C CYS C 108 -29.91 24.74 -7.07
N ILE C 109 -28.87 24.04 -7.51
CA ILE C 109 -29.02 22.67 -8.08
C ILE C 109 -28.20 21.74 -7.18
N SER C 110 -28.57 20.48 -7.09
CA SER C 110 -28.12 19.57 -6.00
C SER C 110 -26.71 19.07 -6.30
N GLU C 111 -26.28 19.17 -7.56
CA GLU C 111 -24.92 18.69 -7.94
C GLU C 111 -23.86 19.68 -7.43
N ASP C 112 -24.25 20.88 -6.98
CA ASP C 112 -23.31 21.90 -6.46
C ASP C 112 -23.04 21.74 -4.95
N TYR C 113 -23.68 20.79 -4.26
CA TYR C 113 -23.60 20.62 -2.79
C TYR C 113 -23.19 19.18 -2.47
N ASP C 114 -22.19 19.03 -1.59
CA ASP C 114 -21.54 17.73 -1.31
C ASP C 114 -21.96 17.21 0.06
N TYR C 115 -22.24 18.09 1.03
CA TYR C 115 -22.57 17.70 2.44
C TYR C 115 -24.00 18.16 2.75
N TRP C 116 -24.80 17.20 3.19
CA TRP C 116 -26.28 17.19 3.29
C TRP C 116 -26.71 16.79 4.70
N GLY C 117 -27.65 17.54 5.26
CA GLY C 117 -28.48 17.08 6.38
C GLY C 117 -29.26 15.83 6.00
N GLN C 118 -29.53 14.99 6.99
CA GLN C 118 -30.31 13.75 6.82
C GLN C 118 -31.78 14.07 6.48
N GLY C 119 -32.30 15.21 6.94
CA GLY C 119 -33.68 15.68 6.73
C GLY C 119 -34.29 16.18 8.02
N THR C 120 -34.94 17.33 7.97
CA THR C 120 -35.74 17.95 9.06
C THR C 120 -37.20 18.13 8.61
N GLN C 121 -38.15 17.36 9.19
CA GLN C 121 -39.57 17.36 8.77
C GLN C 121 -40.18 18.70 9.21
N VAL C 122 -40.91 19.36 8.31
CA VAL C 122 -41.75 20.54 8.66
C VAL C 122 -43.16 20.25 8.18
N THR C 123 -44.13 20.37 9.08
CA THR C 123 -45.56 20.06 8.79
C THR C 123 -46.42 21.27 9.15
N VAL C 124 -47.01 21.88 8.12
CA VAL C 124 -47.98 22.99 8.27
C VAL C 124 -49.36 22.36 8.33
N SER C 125 -50.00 22.40 9.49
CA SER C 125 -51.34 21.82 9.75
C SER C 125 -52.21 22.89 10.41
N SER C 126 -53.46 23.01 9.96
CA SER C 126 -54.51 23.87 10.56
C SER C 126 -54.95 23.30 11.92
N LEU C 127 -54.85 21.98 12.11
CA LEU C 127 -55.38 21.29 13.32
C LEU C 127 -54.30 21.24 14.42
N VAL C 128 -53.75 22.40 14.80
CA VAL C 128 -52.65 22.51 15.82
C VAL C 128 -53.17 23.32 17.01
N PRO C 129 -53.29 22.71 18.22
CA PRO C 129 -53.78 23.42 19.40
C PRO C 129 -52.89 24.61 19.78
N GLN D 1 6.87 -19.56 -0.33
CA GLN D 1 7.06 -20.74 0.62
C GLN D 1 7.39 -22.00 -0.21
N VAL D 2 8.27 -22.85 0.34
CA VAL D 2 8.95 -23.95 -0.40
C VAL D 2 8.72 -25.27 0.34
N GLN D 3 8.91 -26.39 -0.39
CA GLN D 3 8.75 -27.80 0.04
C GLN D 3 10.12 -28.50 -0.01
N LEU D 4 10.53 -29.10 1.10
CA LEU D 4 11.46 -30.25 1.08
C LEU D 4 10.70 -31.52 1.48
N GLN D 5 10.33 -32.37 0.53
CA GLN D 5 9.53 -33.58 0.81
C GLN D 5 10.49 -34.74 1.09
N GLU D 6 10.34 -35.37 2.26
CA GLU D 6 11.33 -36.33 2.81
C GLU D 6 10.91 -37.77 2.47
N SER D 7 11.88 -38.59 2.09
CA SER D 7 11.71 -40.06 1.90
C SER D 7 12.83 -40.80 2.63
N GLY D 8 12.49 -42.04 3.03
CA GLY D 8 13.40 -43.03 3.58
C GLY D 8 13.64 -42.82 5.06
N GLY D 9 14.62 -43.52 5.60
CA GLY D 9 14.87 -43.60 7.04
C GLY D 9 14.38 -44.94 7.51
N GLY D 10 14.69 -45.28 8.77
CA GLY D 10 14.17 -46.48 9.42
C GLY D 10 15.20 -47.19 10.28
N LEU D 11 14.87 -48.43 10.61
CA LEU D 11 15.66 -49.38 11.42
C LEU D 11 16.55 -50.17 10.44
N VAL D 12 17.84 -50.30 10.72
CA VAL D 12 18.81 -51.05 9.87
C VAL D 12 19.88 -51.69 10.76
N GLN D 13 20.47 -52.80 10.32
CA GLN D 13 21.51 -53.53 11.09
C GLN D 13 22.86 -52.87 10.85
N PRO D 14 23.74 -52.90 11.87
CA PRO D 14 25.14 -52.49 11.68
C PRO D 14 25.66 -53.15 10.40
N GLY D 15 26.33 -52.36 9.56
CA GLY D 15 26.89 -52.82 8.28
C GLY D 15 25.92 -52.66 7.13
N GLY D 16 24.64 -52.41 7.45
CA GLY D 16 23.56 -52.21 6.45
C GLY D 16 23.62 -50.86 5.75
N SER D 17 22.60 -50.54 4.96
CA SER D 17 22.61 -49.46 3.96
C SER D 17 21.21 -48.82 3.84
N LEU D 18 21.14 -47.48 3.79
CA LEU D 18 19.91 -46.71 3.57
C LEU D 18 20.17 -45.58 2.58
N ARG D 19 19.15 -45.20 1.82
CA ARG D 19 19.13 -43.95 1.01
C ARG D 19 18.05 -43.02 1.57
N LEU D 20 18.47 -41.82 1.98
CA LEU D 20 17.59 -40.68 2.33
C LEU D 20 17.49 -39.77 1.12
N SER D 21 16.35 -39.14 0.93
CA SER D 21 16.12 -38.14 -0.13
C SER D 21 15.24 -36.97 0.35
N CYS D 22 15.37 -35.83 -0.33
CA CYS D 22 14.50 -34.64 -0.17
C CYS D 22 14.19 -34.11 -1.57
N ALA D 23 12.89 -34.03 -1.88
CA ALA D 23 12.36 -33.58 -3.17
C ALA D 23 11.92 -32.13 -3.04
N ALA D 24 12.55 -31.22 -3.78
CA ALA D 24 12.18 -29.77 -3.80
C ALA D 24 10.81 -29.58 -4.46
N ALA D 25 10.06 -28.59 -4.00
CA ALA D 25 8.99 -27.95 -4.80
C ALA D 25 8.91 -26.48 -4.40
N GLY D 26 8.59 -25.61 -5.36
CA GLY D 26 8.69 -24.15 -5.23
C GLY D 26 10.04 -23.64 -5.70
N PHE D 27 10.98 -24.54 -6.03
CA PHE D 27 12.35 -24.22 -6.48
C PHE D 27 13.06 -25.48 -7.01
N THR D 28 14.27 -25.35 -7.56
CA THR D 28 15.16 -26.45 -8.00
C THR D 28 16.54 -26.33 -7.32
N PHE D 29 17.29 -27.43 -7.25
CA PHE D 29 18.63 -27.52 -6.63
C PHE D 29 19.74 -27.16 -7.63
N ASP D 30 19.40 -26.91 -8.90
CA ASP D 30 20.38 -26.67 -10.00
C ASP D 30 21.47 -25.71 -9.52
N TYR D 31 21.14 -24.56 -8.93
CA TYR D 31 22.17 -23.56 -8.60
C TYR D 31 22.18 -23.31 -7.08
N TYR D 32 21.87 -24.33 -6.27
CA TYR D 32 21.75 -24.28 -4.79
C TYR D 32 22.87 -25.09 -4.15
N ALA D 33 23.34 -24.62 -2.99
CA ALA D 33 24.13 -25.40 -2.03
C ALA D 33 23.20 -26.42 -1.39
N ILE D 34 23.70 -27.64 -1.13
CA ILE D 34 22.91 -28.73 -0.52
C ILE D 34 23.75 -29.39 0.57
N ALA D 35 23.09 -29.89 1.60
CA ALA D 35 23.77 -30.43 2.80
C ALA D 35 22.85 -31.42 3.52
N TRP D 36 23.47 -32.33 4.26
CA TRP D 36 22.81 -33.15 5.31
C TRP D 36 23.43 -32.85 6.67
N PHE D 37 22.57 -32.68 7.66
CA PHE D 37 22.95 -32.49 9.08
C PHE D 37 22.27 -33.61 9.86
N ARG D 38 22.66 -33.76 11.12
CA ARG D 38 22.14 -34.84 11.97
C ARG D 38 22.30 -34.46 13.44
N GLN D 39 21.38 -34.96 14.26
CA GLN D 39 21.34 -34.70 15.71
C GLN D 39 21.07 -36.05 16.37
N ALA D 40 22.14 -36.67 16.84
CA ALA D 40 22.14 -37.87 17.69
C ALA D 40 21.50 -37.51 19.03
N PRO D 41 21.01 -38.49 19.81
CA PRO D 41 20.44 -38.20 21.14
C PRO D 41 21.54 -37.73 22.10
N GLY D 42 21.32 -36.58 22.76
CA GLY D 42 22.24 -35.93 23.70
C GLY D 42 23.50 -35.35 23.04
N LYS D 43 23.41 -35.00 21.76
CA LYS D 43 24.52 -34.35 21.01
C LYS D 43 24.02 -33.05 20.38
N GLU D 44 24.93 -32.27 19.80
CA GLU D 44 24.63 -31.05 19.01
C GLU D 44 24.41 -31.45 17.55
N ARG D 45 23.67 -30.63 16.79
CA ARG D 45 23.48 -30.77 15.34
C ARG D 45 24.86 -30.66 14.67
N GLU D 46 25.28 -31.70 13.93
CA GLU D 46 26.56 -31.75 13.19
C GLU D 46 26.28 -31.88 11.69
N GLY D 47 27.05 -31.12 10.90
CA GLY D 47 27.15 -31.29 9.44
C GLY D 47 27.80 -32.62 9.07
N VAL D 48 27.20 -33.34 8.13
CA VAL D 48 27.59 -34.72 7.74
C VAL D 48 28.22 -34.66 6.34
N SER D 49 27.63 -33.90 5.43
CA SER D 49 28.15 -33.72 4.05
C SER D 49 27.46 -32.53 3.42
N CYS D 50 28.20 -31.75 2.63
CA CYS D 50 27.62 -30.67 1.80
C CYS D 50 28.33 -30.60 0.46
N ILE D 51 27.60 -30.05 -0.50
CA ILE D 51 28.11 -29.43 -1.75
C ILE D 51 27.85 -27.92 -1.66
N SER D 52 28.85 -27.15 -1.27
CA SER D 52 28.80 -25.72 -0.87
C SER D 52 28.77 -24.78 -2.09
N SER D 53 29.32 -25.18 -3.24
CA SER D 53 29.59 -24.30 -4.41
C SER D 53 29.33 -25.01 -5.75
N SER D 54 29.43 -24.28 -6.88
CA SER D 54 29.23 -24.84 -8.24
C SER D 54 30.41 -25.74 -8.65
N ASP D 55 31.57 -25.61 -7.98
CA ASP D 55 32.76 -26.45 -8.28
C ASP D 55 32.42 -27.91 -7.97
N GLY D 56 31.27 -28.17 -7.34
CA GLY D 56 30.83 -29.52 -6.91
C GLY D 56 31.92 -30.25 -6.15
N THR D 57 32.63 -29.52 -5.29
CA THR D 57 33.47 -30.07 -4.20
C THR D 57 32.47 -30.52 -3.13
N THR D 58 32.71 -31.70 -2.56
CA THR D 58 31.89 -32.33 -1.51
C THR D 58 32.75 -32.31 -0.24
N TYR D 59 32.24 -31.87 0.91
CA TYR D 59 32.84 -32.11 2.25
C TYR D 59 32.07 -33.26 2.90
N TYR D 60 32.79 -34.03 3.71
CA TYR D 60 32.31 -35.15 4.55
C TYR D 60 32.98 -35.00 5.91
N ALA D 61 32.19 -35.06 6.99
CA ALA D 61 32.66 -35.26 8.37
C ALA D 61 33.61 -36.48 8.39
N ASP D 62 34.63 -36.45 9.25
CA ASP D 62 35.70 -37.48 9.31
C ASP D 62 35.04 -38.84 9.55
N SER D 63 34.03 -38.88 10.41
CA SER D 63 33.38 -40.14 10.86
C SER D 63 32.58 -40.81 9.72
N VAL D 64 32.31 -40.15 8.59
CA VAL D 64 31.44 -40.77 7.54
C VAL D 64 32.18 -40.87 6.22
N LYS D 65 33.42 -40.38 6.13
CA LYS D 65 34.20 -40.38 4.87
C LYS D 65 34.35 -41.83 4.41
N GLY D 66 33.95 -42.12 3.17
CA GLY D 66 34.05 -43.46 2.55
C GLY D 66 32.81 -44.29 2.75
N ARG D 67 31.89 -43.88 3.62
CA ARG D 67 30.64 -44.63 3.94
C ARG D 67 29.41 -43.90 3.36
N PHE D 68 29.40 -42.57 3.39
CA PHE D 68 28.27 -41.72 2.96
C PHE D 68 28.61 -41.00 1.65
N THR D 69 27.58 -40.75 0.83
CA THR D 69 27.67 -40.03 -0.46
C THR D 69 26.48 -39.08 -0.58
N ILE D 70 26.77 -37.79 -0.68
CA ILE D 70 25.74 -36.77 -1.04
C ILE D 70 25.70 -36.68 -2.58
N SER D 71 24.52 -36.56 -3.16
CA SER D 71 24.30 -36.33 -4.60
C SER D 71 22.95 -35.63 -4.80
N LYS D 72 22.73 -35.21 -6.04
CA LYS D 72 21.64 -34.32 -6.50
C LYS D 72 21.17 -34.92 -7.83
N ASP D 73 19.87 -34.89 -8.10
CA ASP D 73 19.32 -35.21 -9.45
C ASP D 73 18.45 -34.04 -9.92
N ASN D 74 19.00 -33.17 -10.77
CA ASN D 74 18.29 -31.97 -11.28
C ASN D 74 17.13 -32.39 -12.21
N ALA D 75 17.06 -33.63 -12.63
CA ALA D 75 15.92 -34.16 -13.42
C ALA D 75 14.69 -34.39 -12.50
N LYS D 76 14.89 -35.05 -11.34
CA LYS D 76 13.83 -35.32 -10.33
C LYS D 76 13.72 -34.18 -9.32
N ASN D 77 14.63 -33.20 -9.33
CA ASN D 77 14.69 -32.10 -8.34
C ASN D 77 14.67 -32.72 -6.93
N THR D 78 15.63 -33.62 -6.70
CA THR D 78 15.77 -34.45 -5.50
C THR D 78 17.24 -34.46 -5.07
N MET D 79 17.51 -34.37 -3.78
CA MET D 79 18.86 -34.56 -3.21
C MET D 79 18.92 -35.85 -2.38
N TYR D 80 20.09 -36.47 -2.32
CA TYR D 80 20.25 -37.82 -1.74
C TYR D 80 21.37 -37.82 -0.72
N LEU D 81 21.23 -38.71 0.26
CA LEU D 81 22.32 -39.18 1.14
C LEU D 81 22.32 -40.70 1.08
N GLN D 82 23.33 -41.29 0.43
CA GLN D 82 23.53 -42.75 0.43
C GLN D 82 24.40 -43.06 1.65
N MET D 83 23.92 -43.89 2.53
CA MET D 83 24.66 -44.28 3.75
C MET D 83 24.94 -45.78 3.65
N ASN D 84 26.22 -46.16 3.67
CA ASN D 84 26.75 -47.54 3.60
C ASN D 84 27.49 -47.84 4.89
N SER D 85 27.61 -49.11 5.29
CA SER D 85 28.46 -49.55 6.44
C SER D 85 28.05 -48.83 7.73
N LEU D 86 26.76 -48.84 8.03
CA LEU D 86 26.16 -48.00 9.09
C LEU D 86 26.59 -48.52 10.46
N LYS D 87 26.78 -47.62 11.42
CA LYS D 87 27.31 -47.98 12.76
C LYS D 87 26.32 -47.46 13.79
N PRO D 88 26.26 -48.05 15.00
CA PRO D 88 25.42 -47.53 16.08
C PRO D 88 25.49 -46.00 16.16
N GLU D 89 26.67 -45.43 15.96
CA GLU D 89 26.88 -43.98 16.21
C GLU D 89 26.24 -43.14 15.09
N ASP D 90 25.68 -43.77 14.04
CA ASP D 90 24.96 -43.10 12.91
C ASP D 90 23.48 -42.88 13.27
N THR D 91 22.99 -43.52 14.35
CA THR D 91 21.60 -43.32 14.86
C THR D 91 21.42 -41.84 15.18
N ALA D 92 20.41 -41.18 14.57
CA ALA D 92 20.21 -39.71 14.63
C ALA D 92 18.98 -39.29 13.85
N VAL D 93 18.47 -38.08 14.08
CA VAL D 93 17.56 -37.41 13.11
C VAL D 93 18.42 -36.81 12.00
N TYR D 94 18.11 -37.07 10.74
CA TYR D 94 18.81 -36.50 9.55
C TYR D 94 17.95 -35.41 8.93
N TYR D 95 18.59 -34.31 8.56
CA TYR D 95 17.96 -33.09 8.00
C TYR D 95 18.68 -32.68 6.71
N CYS D 96 17.97 -32.74 5.59
CA CYS D 96 18.43 -32.09 4.35
C CYS D 96 18.30 -30.58 4.54
N ALA D 97 19.28 -29.84 4.02
CA ALA D 97 19.28 -28.36 4.06
C ALA D 97 19.71 -27.88 2.69
N THR D 98 19.20 -26.74 2.25
CA THR D 98 19.60 -26.16 0.96
C THR D 98 19.59 -24.65 1.10
N SER D 99 20.40 -23.98 0.28
CA SER D 99 20.50 -22.50 0.19
C SER D 99 20.55 -22.09 -1.27
N PRO D 100 19.80 -21.03 -1.67
CA PRO D 100 20.02 -20.38 -2.96
C PRO D 100 21.38 -19.67 -3.06
N LEU D 101 22.07 -19.51 -1.94
CA LEU D 101 23.47 -18.97 -1.86
C LEU D 101 24.50 -20.11 -1.78
N TYR D 102 25.61 -19.95 -2.49
CA TYR D 102 26.82 -20.79 -2.35
C TYR D 102 27.58 -20.28 -1.14
N SER D 103 28.48 -21.11 -0.59
CA SER D 103 29.39 -20.76 0.51
C SER D 103 30.79 -21.21 0.09
N THR D 104 31.82 -20.50 0.55
CA THR D 104 33.26 -20.86 0.45
C THR D 104 33.71 -21.56 1.74
N ASN D 105 32.88 -21.65 2.78
CA ASN D 105 33.21 -22.45 3.99
C ASN D 105 33.58 -23.87 3.54
N ASP D 106 34.65 -24.44 4.11
CA ASP D 106 35.19 -25.77 3.72
C ASP D 106 34.45 -26.86 4.52
N ARG D 107 33.84 -26.50 5.67
CA ARG D 107 33.01 -27.36 6.56
C ARG D 107 31.54 -26.94 6.43
N CYS D 108 30.57 -27.85 6.60
CA CYS D 108 29.11 -27.55 6.52
C CYS D 108 28.65 -27.00 7.86
N ILE D 109 28.07 -25.79 7.89
CA ILE D 109 27.61 -25.12 9.14
C ILE D 109 26.18 -24.60 8.91
N SER D 110 25.34 -24.67 9.95
CA SER D 110 23.91 -24.28 9.92
C SER D 110 23.68 -22.92 9.24
N GLU D 111 24.53 -21.91 9.51
CA GLU D 111 24.40 -20.49 9.05
C GLU D 111 24.27 -20.42 7.51
N ASP D 112 24.82 -21.41 6.81
CA ASP D 112 24.95 -21.38 5.34
C ASP D 112 23.68 -21.93 4.69
N TYR D 113 22.71 -22.43 5.47
CA TYR D 113 21.52 -23.12 4.89
C TYR D 113 20.22 -22.54 5.44
N ASP D 114 19.24 -22.32 4.56
CA ASP D 114 18.00 -21.58 4.86
C ASP D 114 16.75 -22.47 4.84
N TYR D 115 16.71 -23.51 4.02
CA TYR D 115 15.53 -24.39 3.83
C TYR D 115 15.86 -25.79 4.37
N TRP D 116 15.04 -26.31 5.27
CA TRP D 116 15.37 -27.48 6.12
C TRP D 116 14.26 -28.51 6.07
N GLY D 117 14.64 -29.77 5.92
CA GLY D 117 13.72 -30.89 6.13
C GLY D 117 13.26 -30.94 7.57
N GLN D 118 12.06 -31.45 7.83
CA GLN D 118 11.49 -31.55 9.19
C GLN D 118 12.31 -32.53 10.03
N GLY D 119 12.88 -33.54 9.40
CA GLY D 119 13.75 -34.54 10.06
C GLY D 119 13.37 -35.95 9.66
N THR D 120 14.37 -36.80 9.53
CA THR D 120 14.24 -38.21 9.09
C THR D 120 14.98 -39.07 10.08
N GLN D 121 14.29 -39.91 10.83
CA GLN D 121 14.91 -40.75 11.88
C GLN D 121 15.62 -41.92 11.21
N VAL D 122 16.90 -42.12 11.53
CA VAL D 122 17.66 -43.35 11.21
C VAL D 122 18.05 -44.02 12.53
N THR D 123 17.76 -45.31 12.66
CA THR D 123 18.04 -46.10 13.88
C THR D 123 18.90 -47.31 13.48
N VAL D 124 20.08 -47.47 14.08
CA VAL D 124 20.96 -48.63 13.79
C VAL D 124 20.97 -49.56 15.02
N SER D 125 20.64 -50.83 14.83
CA SER D 125 20.42 -51.80 15.93
C SER D 125 20.77 -53.21 15.48
N SER D 126 21.59 -53.91 16.26
CA SER D 126 21.90 -55.35 16.07
C SER D 126 20.73 -56.21 16.57
N LEU D 127 19.77 -55.61 17.30
CA LEU D 127 18.54 -56.27 17.82
C LEU D 127 17.44 -56.31 16.74
N VAL D 128 17.79 -56.44 15.46
CA VAL D 128 16.84 -56.71 14.33
C VAL D 128 17.55 -57.61 13.31
CA CA E . 10.08 -36.45 8.36
#